data_8ADB
#
_entry.id   8ADB
#
_cell.length_a   101.766
_cell.length_b   101.766
_cell.length_c   63.204
_cell.angle_alpha   90.000
_cell.angle_beta   90.000
_cell.angle_gamma   120.000
#
_symmetry.space_group_name_H-M   'P 32 2 1'
#
loop_
_entity.id
_entity.type
_entity.pdbx_description
1 polymer 'Deubiquitinating enzyme'
2 polymer Ubiquitin
3 non-polymer 'CITRIC ACID'
4 non-polymer prop-2-en-1-amine
5 water water
#
loop_
_entity_poly.entity_id
_entity_poly.type
_entity_poly.pdbx_seq_one_letter_code
_entity_poly.pdbx_strand_id
1 'polypeptide(L)'
;KMPEEEQDSLAAFSRIEANITQYDPLLDNAGKSACTCICLKAAEMLLEASPDQVNAGLIDDILVEGVADYNRFKVGGVVE
HTSVENYELNTFELKRLEFRDVDNPFSAEGNPYAGTLDSFAKMMEKASDSKDLPKPVALVMTKSNMTITIVIRPDGKYWL
FDPHGTNGKGAYIESCNTDELIKKIKEIFPKTSYPGMTEDENLGFNSFEAYAVRR
;
A
2 'polypeptide(L)' MQIFVKTLTGKTITLEVEPSDTIENVKAKIQDKEGIPPDQQRLIFAGKQLEDGRTLSDYNIQKESTLHLVLRLRG B
#
loop_
_chem_comp.id
_chem_comp.type
_chem_comp.name
_chem_comp.formula
AYE non-polymer prop-2-en-1-amine 'C3 H7 N'
CIT non-polymer 'CITRIC ACID' 'C6 H8 O7'
#
# COMPACT_ATOMS: atom_id res chain seq x y z
N MET A 2 -28.95 10.22 24.86
CA MET A 2 -28.47 11.30 25.72
C MET A 2 -26.95 11.45 25.58
N PRO A 3 -26.41 12.69 25.62
CA PRO A 3 -24.96 12.83 25.42
C PRO A 3 -24.13 12.06 26.45
N GLU A 4 -24.59 12.00 27.71
CA GLU A 4 -23.84 11.32 28.77
C GLU A 4 -23.74 9.83 28.56
N GLU A 5 -24.60 9.25 27.70
CA GLU A 5 -24.62 7.82 27.41
C GLU A 5 -23.90 7.47 26.10
N GLU A 6 -23.29 8.43 25.41
CA GLU A 6 -22.58 8.13 24.17
C GLU A 6 -21.15 7.67 24.42
N GLN A 7 -20.68 6.73 23.58
CA GLN A 7 -19.27 6.39 23.59
C GLN A 7 -18.45 7.58 23.08
N ASP A 8 -17.23 7.71 23.62
CA ASP A 8 -16.25 8.62 23.05
C ASP A 8 -16.06 8.32 21.57
N SER A 9 -15.93 9.37 20.78
CA SER A 9 -15.88 9.23 19.34
C SER A 9 -14.92 10.28 18.79
N LEU A 10 -14.69 10.20 17.49
CA LEU A 10 -13.92 11.25 16.82
C LEU A 10 -14.65 12.57 16.80
N ALA A 11 -15.92 12.63 17.18
CA ALA A 11 -16.56 13.92 17.25
C ALA A 11 -16.05 14.74 18.42
N ALA A 12 -15.28 14.15 19.31
CA ALA A 12 -14.75 14.89 20.43
C ALA A 12 -13.32 14.53 20.81
N PHE A 13 -12.72 13.51 20.18
CA PHE A 13 -11.36 13.14 20.53
C PHE A 13 -10.58 12.95 19.22
N SER A 14 -9.27 12.90 19.34
CA SER A 14 -8.43 12.73 18.16
C SER A 14 -7.99 11.30 17.91
N ARG A 15 -8.21 10.40 18.85
CA ARG A 15 -7.78 9.03 18.67
C ARG A 15 -8.79 8.14 19.36
N ILE A 16 -9.25 7.11 18.67
CA ILE A 16 -10.23 6.17 19.20
C ILE A 16 -9.65 4.78 19.03
N GLU A 17 -9.84 3.95 20.05
CA GLU A 17 -9.23 2.62 20.09
C GLU A 17 -10.28 1.53 20.14
N ALA A 18 -10.02 0.43 19.41
CA ALA A 18 -10.86 -0.76 19.54
C ALA A 18 -10.81 -1.31 20.96
N ASN A 19 -11.89 -1.98 21.37
CA ASN A 19 -11.88 -2.76 22.59
C ASN A 19 -11.39 -4.18 22.37
N ILE A 20 -11.61 -4.73 21.19
CA ILE A 20 -11.33 -6.14 20.91
C ILE A 20 -9.86 -6.34 20.60
N THR A 21 -9.21 -7.23 21.35
CA THR A 21 -7.82 -7.59 21.08
C THR A 21 -7.65 -9.02 20.60
N GLN A 22 -8.72 -9.82 20.62
CA GLN A 22 -8.56 -11.25 20.36
C GLN A 22 -8.12 -11.56 18.95
N TYR A 23 -8.25 -10.62 18.00
CA TYR A 23 -7.80 -10.88 16.64
C TYR A 23 -6.34 -10.50 16.44
N ASP A 24 -5.68 -9.96 17.46
CA ASP A 24 -4.38 -9.34 17.22
C ASP A 24 -3.34 -10.33 16.69
N PRO A 25 -3.31 -11.60 17.11
CA PRO A 25 -2.33 -12.53 16.52
C PRO A 25 -2.51 -12.69 15.03
N LEU A 26 -3.73 -12.55 14.54
CA LEU A 26 -4.01 -12.62 13.11
C LEU A 26 -3.65 -11.30 12.42
N LEU A 27 -4.11 -10.18 12.98
CA LEU A 27 -3.88 -8.89 12.39
C LEU A 27 -2.39 -8.53 12.36
N ASP A 28 -1.62 -9.08 13.29
CA ASP A 28 -0.22 -8.68 13.40
C ASP A 28 0.70 -9.61 12.62
N ASN A 29 0.15 -10.67 12.03
CA ASN A 29 0.91 -11.70 11.34
C ASN A 29 1.13 -11.26 9.89
N ALA A 30 2.35 -10.75 9.59
CA ALA A 30 2.67 -10.36 8.22
C ALA A 30 2.82 -11.57 7.29
N GLY A 31 2.72 -12.78 7.79
CA GLY A 31 2.59 -13.94 6.91
C GLY A 31 1.19 -14.19 6.39
N LYS A 32 0.23 -13.41 6.85
CA LYS A 32 -1.17 -13.48 6.40
C LYS A 32 -1.59 -12.13 5.85
N SER A 33 -2.71 -12.10 5.13
CA SER A 33 -3.18 -10.85 4.56
C SER A 33 -4.43 -10.32 5.24
N ALA A 34 -4.74 -10.81 6.43
CA ALA A 34 -5.89 -10.32 7.15
C ALA A 34 -5.77 -8.83 7.44
N CYS A 35 -4.56 -8.34 7.71
CA CYS A 35 -4.43 -6.92 8.00
C CYS A 35 -4.95 -6.09 6.82
N THR A 36 -4.71 -6.56 5.59
CA THR A 36 -5.18 -5.85 4.40
C THR A 36 -6.69 -5.95 4.25
N CYS A 37 -7.25 -7.15 4.44
CA CYS A 37 -8.71 -7.33 4.42
C CYS A 37 -9.38 -6.37 5.39
N ILE A 38 -8.83 -6.25 6.59
CA ILE A 38 -9.45 -5.37 7.58
C ILE A 38 -9.25 -3.91 7.19
N CYS A 39 -8.16 -3.55 6.52
CA CYS A 39 -8.02 -2.18 6.05
C CYS A 39 -9.05 -1.87 4.96
N LEU A 40 -9.35 -2.85 4.12
CA LEU A 40 -10.39 -2.64 3.14
C LEU A 40 -11.76 -2.52 3.81
N LYS A 41 -12.02 -3.30 4.86
CA LYS A 41 -13.29 -3.12 5.58
C LYS A 41 -13.35 -1.75 6.22
N ALA A 42 -12.22 -1.28 6.73
CA ALA A 42 -12.20 0.06 7.33
C ALA A 42 -12.52 1.14 6.29
N ALA A 43 -11.99 1.01 5.07
CA ALA A 43 -12.33 2.00 4.06
C ALA A 43 -13.83 1.96 3.78
N GLU A 44 -14.36 0.75 3.62
CA GLU A 44 -15.80 0.54 3.38
C GLU A 44 -16.64 1.24 4.42
N MET A 45 -16.27 1.08 5.68
CA MET A 45 -17.10 1.57 6.77
C MET A 45 -16.84 3.03 7.09
N LEU A 46 -15.60 3.50 6.95
CA LEU A 46 -15.29 4.86 7.36
C LEU A 46 -15.60 5.89 6.30
N LEU A 47 -15.64 5.47 5.04
CA LEU A 47 -15.82 6.46 3.99
C LEU A 47 -17.14 7.20 4.16
N GLU A 48 -18.18 6.52 4.65
CA GLU A 48 -19.49 7.13 4.79
C GLU A 48 -19.89 7.34 6.26
N ALA A 49 -18.94 7.38 7.17
CA ALA A 49 -19.23 7.62 8.59
C ALA A 49 -19.12 9.10 8.93
N SER A 50 -19.89 9.54 9.94
CA SER A 50 -19.63 10.86 10.50
C SER A 50 -18.72 10.71 11.70
N PRO A 51 -18.07 11.79 12.16
CA PRO A 51 -17.14 11.62 13.29
C PRO A 51 -17.78 11.00 14.50
N ASP A 52 -19.03 11.36 14.80
CA ASP A 52 -19.67 10.88 16.02
C ASP A 52 -19.95 9.39 15.98
N GLN A 53 -19.92 8.79 14.78
CA GLN A 53 -20.12 7.36 14.66
C GLN A 53 -18.84 6.57 14.90
N VAL A 54 -17.68 7.22 14.89
CA VAL A 54 -16.40 6.50 14.97
C VAL A 54 -16.05 6.41 16.46
N ASN A 55 -16.52 5.34 17.07
CA ASN A 55 -16.30 5.01 18.48
C ASN A 55 -15.65 3.64 18.55
N ALA A 56 -15.29 3.21 19.75
CA ALA A 56 -14.67 1.90 19.91
C ALA A 56 -15.56 0.80 19.34
N GLY A 57 -16.87 0.93 19.48
CA GLY A 57 -17.76 -0.09 18.94
C GLY A 57 -17.68 -0.20 17.43
N LEU A 58 -17.55 0.94 16.73
CA LEU A 58 -17.43 0.91 15.29
C LEU A 58 -16.11 0.27 14.86
N ILE A 59 -15.01 0.57 15.57
CA ILE A 59 -13.75 -0.09 15.22
C ILE A 59 -13.85 -1.58 15.50
N ASP A 60 -14.50 -1.95 16.60
CA ASP A 60 -14.75 -3.37 16.85
C ASP A 60 -15.46 -4.02 15.67
N ASP A 61 -16.50 -3.36 15.16
CA ASP A 61 -17.24 -3.88 14.01
C ASP A 61 -16.34 -4.03 12.78
N ILE A 62 -15.44 -3.06 12.54
CA ILE A 62 -14.48 -3.23 11.44
C ILE A 62 -13.72 -4.53 11.60
N LEU A 63 -13.22 -4.80 12.81
CA LEU A 63 -12.45 -6.03 13.02
C LEU A 63 -13.33 -7.26 12.87
N VAL A 64 -14.51 -7.27 13.52
CA VAL A 64 -15.36 -8.46 13.45
C VAL A 64 -15.79 -8.76 12.02
N GLU A 65 -16.30 -7.72 11.32
CA GLU A 65 -16.78 -7.91 9.94
C GLU A 65 -15.62 -8.13 8.98
N GLY A 66 -14.48 -7.51 9.24
CA GLY A 66 -13.35 -7.72 8.35
C GLY A 66 -12.78 -9.12 8.48
N VAL A 67 -12.77 -9.67 9.69
CA VAL A 67 -12.28 -11.04 9.86
C VAL A 67 -13.25 -12.03 9.23
N ALA A 68 -14.55 -11.78 9.35
CA ALA A 68 -15.50 -12.64 8.64
C ALA A 68 -15.23 -12.65 7.14
N ASP A 69 -15.01 -11.48 6.51
CA ASP A 69 -14.77 -11.49 5.07
C ASP A 69 -13.42 -12.14 4.75
N TYR A 70 -12.46 -11.99 5.66
CA TYR A 70 -11.17 -12.65 5.48
C TYR A 70 -11.38 -14.15 5.43
N ASN A 71 -12.14 -14.69 6.40
CA ASN A 71 -12.39 -16.12 6.42
C ASN A 71 -13.15 -16.55 5.18
N ARG A 72 -14.18 -15.77 4.80
CA ARG A 72 -14.97 -16.14 3.63
C ARG A 72 -14.11 -16.19 2.38
N PHE A 73 -13.16 -15.26 2.26
CA PHE A 73 -12.28 -15.28 1.10
C PHE A 73 -11.41 -16.53 1.07
N LYS A 74 -10.91 -16.95 2.24
CA LYS A 74 -10.04 -18.11 2.31
C LYS A 74 -10.75 -19.40 1.88
N VAL A 75 -12.01 -19.57 2.26
CA VAL A 75 -12.76 -20.76 1.82
C VAL A 75 -13.19 -20.55 0.37
N GLY A 76 -13.01 -21.58 -0.44
CA GLY A 76 -13.05 -21.44 -1.90
C GLY A 76 -11.74 -20.94 -2.50
N THR A 82 -12.02 -6.82 -10.16
CA THR A 82 -11.10 -5.74 -9.80
C THR A 82 -10.60 -5.96 -8.38
N SER A 83 -9.29 -5.93 -8.18
CA SER A 83 -8.67 -6.43 -6.96
C SER A 83 -7.73 -5.40 -6.36
N VAL A 84 -7.41 -5.60 -5.07
CA VAL A 84 -6.33 -4.90 -4.38
C VAL A 84 -5.60 -5.95 -3.55
N GLU A 85 -4.37 -6.27 -3.94
CA GLU A 85 -3.61 -7.32 -3.27
C GLU A 85 -4.40 -8.61 -3.19
N ASN A 86 -5.01 -8.98 -4.31
CA ASN A 86 -5.72 -10.25 -4.48
C ASN A 86 -7.11 -10.26 -3.86
N TYR A 87 -7.51 -9.20 -3.16
CA TYR A 87 -8.87 -9.08 -2.65
C TYR A 87 -9.78 -8.49 -3.70
N GLU A 88 -10.97 -9.06 -3.82
CA GLU A 88 -11.98 -8.52 -4.74
C GLU A 88 -12.68 -7.33 -4.11
N LEU A 89 -12.61 -6.17 -4.75
CA LEU A 89 -13.12 -4.98 -4.10
C LEU A 89 -14.63 -5.02 -3.98
N ASN A 90 -15.30 -5.73 -4.90
CA ASN A 90 -16.75 -5.90 -4.84
C ASN A 90 -17.18 -6.42 -3.48
N THR A 91 -16.37 -7.29 -2.87
CA THR A 91 -16.68 -7.81 -1.54
C THR A 91 -16.87 -6.70 -0.52
N PHE A 92 -16.24 -5.55 -0.72
CA PHE A 92 -16.28 -4.46 0.25
C PHE A 92 -17.13 -3.30 -0.25
N GLU A 93 -17.84 -3.51 -1.36
CA GLU A 93 -18.59 -2.46 -2.03
C GLU A 93 -17.70 -1.27 -2.33
N LEU A 94 -16.46 -1.56 -2.67
CA LEU A 94 -15.53 -0.51 -3.07
C LEU A 94 -15.26 -0.52 -4.56
N LYS A 95 -14.85 0.64 -5.06
CA LYS A 95 -14.46 0.85 -6.44
C LYS A 95 -13.06 1.43 -6.42
N ARG A 96 -12.22 0.98 -7.34
CA ARG A 96 -10.85 1.45 -7.40
C ARG A 96 -10.78 2.64 -8.33
N LEU A 97 -10.00 3.65 -7.94
CA LEU A 97 -9.75 4.79 -8.80
C LEU A 97 -8.29 4.82 -9.23
N GLU A 98 -8.05 5.19 -10.48
CA GLU A 98 -6.66 5.28 -10.97
C GLU A 98 -5.92 6.35 -10.19
N PHE A 99 -4.73 6.03 -9.70
CA PHE A 99 -3.98 7.01 -8.90
C PHE A 99 -2.51 6.58 -8.94
N ARG A 100 -1.65 7.36 -9.58
CA ARG A 100 -0.23 7.03 -9.66
CA ARG A 100 -0.23 7.03 -9.65
C ARG A 100 0.56 8.31 -9.86
N ASP A 101 1.88 8.18 -9.77
CA ASP A 101 2.82 9.29 -9.92
C ASP A 101 3.17 9.33 -11.40
N VAL A 102 2.43 10.13 -12.15
CA VAL A 102 2.44 9.97 -13.60
C VAL A 102 3.80 10.33 -14.19
N ASP A 103 4.34 11.46 -13.78
CA ASP A 103 5.61 11.91 -14.37
C ASP A 103 6.78 11.36 -13.58
N ASN A 104 6.82 10.04 -13.42
CA ASN A 104 7.80 9.40 -12.57
C ASN A 104 8.10 8.07 -13.24
N PRO A 105 9.37 7.67 -13.33
CA PRO A 105 9.72 6.48 -14.13
C PRO A 105 9.34 5.14 -13.51
N PHE A 106 8.89 5.13 -12.27
CA PHE A 106 8.45 3.91 -11.62
C PHE A 106 6.96 3.66 -11.76
N SER A 107 6.22 4.53 -12.45
CA SER A 107 4.78 4.40 -12.52
C SER A 107 4.36 3.77 -13.83
N ALA A 108 3.20 3.12 -13.82
CA ALA A 108 2.60 2.61 -15.04
C ALA A 108 1.10 2.65 -14.86
N GLU A 109 0.38 2.92 -15.96
CA GLU A 109 -1.06 3.00 -15.88
C GLU A 109 -1.62 1.71 -15.31
N GLY A 110 -2.52 1.83 -14.33
CA GLY A 110 -3.15 0.69 -13.69
C GLY A 110 -2.44 0.17 -12.46
N ASN A 111 -1.18 0.56 -12.25
CA ASN A 111 -0.46 0.17 -11.04
C ASN A 111 -0.81 1.12 -9.90
N PRO A 112 -0.71 0.64 -8.66
CA PRO A 112 -0.82 1.54 -7.52
C PRO A 112 0.30 2.56 -7.49
N TYR A 113 0.06 3.60 -6.67
CA TYR A 113 0.99 4.69 -6.48
C TYR A 113 2.18 4.15 -5.71
N ALA A 114 3.35 4.22 -6.32
CA ALA A 114 4.57 3.71 -5.69
C ALA A 114 5.46 4.85 -5.23
N GLY A 115 5.98 4.74 -4.01
CA GLY A 115 6.83 5.79 -3.51
C GLY A 115 7.64 5.33 -2.32
N THR A 116 8.35 6.28 -1.70
CA THR A 116 9.11 6.06 -0.48
C THR A 116 8.66 7.09 0.53
N LEU A 117 9.24 7.06 1.74
CA LEU A 117 8.91 8.11 2.70
C LEU A 117 9.19 9.50 2.15
N ASP A 118 10.25 9.63 1.37
CA ASP A 118 10.57 10.95 0.84
C ASP A 118 9.51 11.45 -0.13
N SER A 119 8.70 10.56 -0.71
CA SER A 119 7.69 11.04 -1.63
C SER A 119 6.27 10.90 -1.09
N PHE A 120 6.13 10.55 0.18
CA PHE A 120 4.78 10.38 0.74
C PHE A 120 4.03 11.71 0.76
N ALA A 121 4.68 12.79 1.19
CA ALA A 121 3.97 14.07 1.27
C ALA A 121 3.47 14.49 -0.10
N LYS A 122 4.29 14.31 -1.14
CA LYS A 122 3.85 14.63 -2.50
C LYS A 122 2.63 13.80 -2.90
N MET A 123 2.63 12.52 -2.56
CA MET A 123 1.48 11.68 -2.88
C MET A 123 0.23 12.24 -2.22
N MET A 124 0.33 12.57 -0.94
CA MET A 124 -0.85 13.08 -0.23
C MET A 124 -1.31 14.40 -0.81
N GLU A 125 -0.38 15.25 -1.23
CA GLU A 125 -0.78 16.50 -1.87
C GLU A 125 -1.63 16.22 -3.10
N LYS A 126 -1.22 15.25 -3.92
CA LYS A 126 -2.03 14.89 -5.08
C LYS A 126 -3.35 14.26 -4.64
N ALA A 127 -3.30 13.34 -3.67
CA ALA A 127 -4.51 12.62 -3.28
C ALA A 127 -5.56 13.56 -2.71
N SER A 128 -5.11 14.63 -2.03
CA SER A 128 -6.01 15.50 -1.28
C SER A 128 -6.61 16.57 -2.16
N ASP A 129 -6.22 16.57 -3.43
CA ASP A 129 -6.68 17.51 -4.43
C ASP A 129 -7.92 16.92 -5.09
N SER A 130 -9.10 17.54 -4.85
CA SER A 130 -10.33 17.06 -5.47
C SER A 130 -10.26 17.07 -7.00
N LYS A 131 -9.28 17.75 -7.59
CA LYS A 131 -9.03 17.56 -9.02
C LYS A 131 -8.63 16.11 -9.33
N ASP A 132 -7.89 15.48 -8.42
CA ASP A 132 -7.34 14.15 -8.72
C ASP A 132 -8.25 13.02 -8.25
N LEU A 133 -8.82 13.16 -7.05
CA LEU A 133 -9.71 12.20 -6.46
C LEU A 133 -10.86 12.90 -5.74
N PRO A 134 -12.09 12.41 -5.91
CA PRO A 134 -13.22 12.98 -5.15
C PRO A 134 -13.06 12.72 -3.66
N LYS A 135 -13.76 13.53 -2.86
CA LYS A 135 -13.78 13.31 -1.42
C LYS A 135 -15.16 12.88 -0.95
N PRO A 136 -15.27 11.97 0.03
CA PRO A 136 -14.18 11.23 0.69
C PRO A 136 -13.66 10.12 -0.22
N VAL A 137 -12.40 9.79 -0.02
CA VAL A 137 -11.72 8.73 -0.78
C VAL A 137 -10.74 8.16 0.22
N ALA A 138 -10.39 6.89 0.05
CA ALA A 138 -9.47 6.25 0.99
C ALA A 138 -8.27 5.75 0.23
N LEU A 139 -7.10 5.82 0.88
CA LEU A 139 -5.91 5.13 0.40
C LEU A 139 -5.59 3.92 1.27
N VAL A 140 -5.39 2.78 0.63
CA VAL A 140 -4.96 1.58 1.30
C VAL A 140 -3.50 1.44 0.96
N MET A 141 -2.64 1.51 1.98
CA MET A 141 -1.21 1.73 1.79
C MET A 141 -0.44 0.60 2.42
N THR A 142 0.46 0.01 1.66
CA THR A 142 1.14 -1.18 2.13
CA THR A 142 1.14 -1.18 2.14
C THR A 142 2.64 -1.04 2.05
N LYS A 143 3.32 -1.69 2.96
CA LYS A 143 4.69 -2.13 2.75
C LYS A 143 4.76 -3.66 2.84
N SER A 144 5.99 -4.21 2.86
CA SER A 144 6.11 -5.66 2.93
C SER A 144 5.41 -6.23 4.16
N ASN A 145 5.30 -5.46 5.27
CA ASN A 145 4.83 -6.11 6.50
C ASN A 145 3.74 -5.33 7.22
N MET A 146 3.04 -4.45 6.55
CA MET A 146 1.96 -3.77 7.24
C MET A 146 1.07 -3.12 6.20
N THR A 147 -0.22 -2.99 6.51
CA THR A 147 -1.16 -2.23 5.68
C THR A 147 -1.88 -1.23 6.60
N ILE A 148 -2.10 0.01 6.12
CA ILE A 148 -2.97 0.97 6.80
C ILE A 148 -4.01 1.51 5.83
N THR A 149 -5.01 2.20 6.37
CA THR A 149 -5.96 2.93 5.53
C THR A 149 -5.96 4.40 5.92
N ILE A 150 -5.90 5.26 4.93
CA ILE A 150 -5.96 6.72 5.12
C ILE A 150 -7.25 7.17 4.47
N VAL A 151 -8.21 7.63 5.27
CA VAL A 151 -9.45 8.22 4.75
C VAL A 151 -9.25 9.72 4.62
N ILE A 152 -9.44 10.24 3.41
CA ILE A 152 -9.38 11.67 3.17
C ILE A 152 -10.77 12.21 3.37
N ARG A 153 -10.93 13.07 4.36
CA ARG A 153 -12.27 13.48 4.79
C ARG A 153 -12.72 14.69 4.00
N PRO A 154 -14.01 15.07 4.14
CA PRO A 154 -14.52 16.22 3.39
C PRO A 154 -13.74 17.50 3.58
N ASP A 155 -13.19 17.77 4.77
CA ASP A 155 -12.44 19.00 4.95
C ASP A 155 -11.01 18.87 4.47
N GLY A 156 -10.64 17.73 3.91
CA GLY A 156 -9.29 17.59 3.44
C GLY A 156 -8.33 17.08 4.47
N LYS A 157 -8.75 16.95 5.71
CA LYS A 157 -7.96 16.25 6.72
C LYS A 157 -8.23 14.75 6.66
N TYR A 158 -7.63 14.00 7.59
CA TYR A 158 -7.48 12.56 7.44
C TYR A 158 -7.88 11.78 8.69
N TRP A 159 -8.40 10.59 8.45
CA TRP A 159 -8.50 9.55 9.46
C TRP A 159 -7.50 8.46 9.10
N LEU A 160 -6.57 8.19 10.00
CA LEU A 160 -5.60 7.12 9.83
C LEU A 160 -6.12 5.92 10.62
N PHE A 161 -6.37 4.80 9.93
CA PHE A 161 -6.78 3.54 10.55
C PHE A 161 -5.57 2.62 10.53
N ASP A 162 -5.17 2.10 11.70
CA ASP A 162 -4.01 1.22 11.85
C ASP A 162 -4.43 -0.07 12.53
N PRO A 163 -4.47 -1.20 11.80
CA PRO A 163 -4.95 -2.47 12.39
C PRO A 163 -3.94 -3.12 13.31
N HIS A 164 -2.73 -2.63 13.32
CA HIS A 164 -1.64 -3.14 14.15
C HIS A 164 -1.79 -2.63 15.57
N GLY A 165 -2.20 -1.40 15.70
CA GLY A 165 -2.40 -0.82 17.00
C GLY A 165 -1.05 -0.44 17.55
N THR A 166 -1.06 0.09 18.76
CA THR A 166 0.17 0.50 19.41
C THR A 166 0.75 -0.70 20.12
N ASN A 167 1.98 -1.06 19.73
CA ASN A 167 2.65 -2.25 20.23
C ASN A 167 1.97 -3.53 19.77
N GLY A 168 1.30 -3.49 18.62
CA GLY A 168 0.60 -4.66 18.12
C GLY A 168 -0.72 -4.94 18.79
N LYS A 169 -1.17 -4.09 19.70
CA LYS A 169 -2.35 -4.38 20.51
C LYS A 169 -3.54 -3.55 20.04
N GLY A 170 -4.64 -4.23 19.73
CA GLY A 170 -5.85 -3.60 19.25
C GLY A 170 -5.67 -2.90 17.90
N ALA A 171 -6.45 -1.85 17.71
CA ALA A 171 -6.51 -1.12 16.44
C ALA A 171 -7.02 0.27 16.77
N TYR A 172 -6.58 1.28 16.00
CA TYR A 172 -7.00 2.62 16.35
C TYR A 172 -7.25 3.43 15.09
N ILE A 173 -7.96 4.52 15.28
CA ILE A 173 -8.16 5.54 14.26
C ILE A 173 -7.77 6.87 14.84
N GLU A 174 -6.94 7.62 14.11
CA GLU A 174 -6.54 8.96 14.53
C GLU A 174 -6.94 9.99 13.50
N SER A 175 -7.47 11.09 13.98
CA SER A 175 -7.74 12.28 13.17
C SER A 175 -6.46 13.09 13.05
N CYS A 176 -6.08 13.44 11.82
CA CYS A 176 -4.79 14.03 11.52
C CYS A 176 -4.94 15.15 10.51
N ASN A 177 -4.18 16.24 10.71
CA ASN A 177 -3.89 17.13 9.58
C ASN A 177 -2.70 16.60 8.80
N THR A 178 -2.25 17.36 7.78
CA THR A 178 -1.22 16.81 6.89
C THR A 178 0.08 16.60 7.63
N ASP A 179 0.52 17.59 8.39
CA ASP A 179 1.79 17.42 9.10
C ASP A 179 1.72 16.26 10.08
N GLU A 180 0.61 16.12 10.80
CA GLU A 180 0.48 15.01 11.74
C GLU A 180 0.48 13.66 11.02
N LEU A 181 -0.21 13.59 9.87
CA LEU A 181 -0.23 12.34 9.11
C LEU A 181 1.17 11.94 8.67
N ILE A 182 1.94 12.89 8.13
CA ILE A 182 3.31 12.60 7.71
C ILE A 182 4.11 12.09 8.90
N LYS A 183 3.95 12.74 10.05
CA LYS A 183 4.67 12.32 11.25
C LYS A 183 4.30 10.89 11.63
N LYS A 184 3.01 10.56 11.59
CA LYS A 184 2.55 9.22 11.97
C LYS A 184 3.04 8.18 10.98
N ILE A 185 3.02 8.51 9.69
CA ILE A 185 3.47 7.52 8.71
C ILE A 185 4.96 7.26 8.87
N LYS A 186 5.73 8.28 9.25
CA LYS A 186 7.16 8.06 9.51
C LYS A 186 7.38 7.14 10.70
N GLU A 187 6.44 7.10 11.66
CA GLU A 187 6.56 6.22 12.81
C GLU A 187 6.08 4.80 12.51
N ILE A 188 5.06 4.66 11.66
CA ILE A 188 4.57 3.35 11.23
C ILE A 188 5.39 2.71 10.11
N PHE A 189 5.96 3.49 9.21
CA PHE A 189 6.71 3.07 8.02
C PHE A 189 8.13 3.62 8.20
N PRO A 190 8.79 3.39 9.34
CA PRO A 190 10.08 4.06 9.59
C PRO A 190 11.17 3.63 8.61
N LYS A 191 12.10 4.56 8.33
CA LYS A 191 13.27 4.22 7.52
C LYS A 191 14.00 3.09 8.21
N THR A 192 14.32 2.03 7.47
CA THR A 192 14.87 0.83 8.07
C THR A 192 16.17 0.46 7.40
N SER A 193 17.22 0.20 8.17
CA SER A 193 18.47 -0.17 7.52
C SER A 193 19.31 -1.01 8.44
N TYR A 194 20.14 -1.86 7.82
CA TYR A 194 21.16 -2.64 8.51
C TYR A 194 22.21 -3.00 7.46
N PRO A 195 23.45 -3.20 7.87
CA PRO A 195 24.51 -3.46 6.87
C PRO A 195 24.22 -4.76 6.12
N GLY A 196 24.41 -4.72 4.80
CA GLY A 196 24.16 -5.87 3.96
C GLY A 196 22.74 -6.03 3.50
N MET A 197 21.86 -5.10 3.86
CA MET A 197 20.47 -5.24 3.47
C MET A 197 20.35 -5.26 1.96
N THR A 198 19.72 -6.30 1.42
CA THR A 198 19.52 -6.39 -0.03
C THR A 198 18.37 -5.49 -0.48
N GLU A 199 18.25 -5.34 -1.79
CA GLU A 199 17.13 -4.54 -2.25
C GLU A 199 15.80 -5.24 -2.04
N ASP A 200 15.76 -6.56 -1.84
CA ASP A 200 14.49 -7.18 -1.49
C ASP A 200 13.93 -6.60 -0.20
N GLU A 201 14.78 -6.48 0.83
CA GLU A 201 14.34 -5.87 2.06
C GLU A 201 14.29 -4.34 2.00
N ASN A 202 15.20 -3.70 1.25
CA ASN A 202 15.15 -2.25 1.13
C ASN A 202 13.83 -1.83 0.53
N LEU A 203 13.44 -2.50 -0.57
CA LEU A 203 12.13 -2.22 -1.15
C LEU A 203 11.01 -2.61 -0.20
N GLY A 204 11.15 -3.76 0.47
CA GLY A 204 10.06 -4.23 1.33
C GLY A 204 9.80 -3.31 2.51
N PHE A 205 10.85 -2.76 3.08
CA PHE A 205 10.68 -1.89 4.26
C PHE A 205 10.59 -0.44 3.92
N ASN A 206 11.20 0.02 2.82
CA ASN A 206 11.38 1.46 2.61
C ASN A 206 10.66 2.03 1.39
N SER A 207 9.78 1.27 0.76
CA SER A 207 8.87 1.79 -0.25
C SER A 207 7.47 1.39 0.17
N PHE A 208 6.49 1.97 -0.53
CA PHE A 208 5.08 1.71 -0.29
C PHE A 208 4.37 1.68 -1.63
N GLU A 209 3.21 1.04 -1.63
CA GLU A 209 2.24 1.13 -2.71
C GLU A 209 0.93 1.59 -2.11
N ALA A 210 0.22 2.42 -2.82
CA ALA A 210 -1.05 2.92 -2.31
C ALA A 210 -2.14 2.80 -3.36
N TYR A 211 -3.28 2.25 -2.95
CA TYR A 211 -4.43 2.08 -3.79
C TYR A 211 -5.51 3.07 -3.37
N ALA A 212 -6.16 3.68 -4.35
CA ALA A 212 -7.28 4.58 -4.05
C ALA A 212 -8.60 3.90 -4.27
N VAL A 213 -9.51 4.04 -3.29
CA VAL A 213 -10.78 3.36 -3.31
C VAL A 213 -11.86 4.30 -2.84
N ARG A 214 -13.04 4.16 -3.41
CA ARG A 214 -14.22 4.86 -2.92
C ARG A 214 -15.41 3.91 -2.85
N ARG A 215 -16.42 4.37 -2.16
CA ARG A 215 -17.72 3.70 -2.17
C ARG A 215 -18.49 4.17 -3.40
N MET B 1 25.10 -7.67 -24.09
CA MET B 1 24.99 -6.19 -23.95
C MET B 1 24.62 -5.87 -22.50
N GLN B 2 24.85 -4.64 -22.06
CA GLN B 2 24.54 -4.21 -20.70
C GLN B 2 23.24 -3.43 -20.66
N ILE B 3 22.39 -3.71 -19.66
CA ILE B 3 21.30 -2.81 -19.32
C ILE B 3 21.39 -2.52 -17.84
N PHE B 4 20.65 -1.51 -17.42
CA PHE B 4 20.60 -1.08 -16.02
C PHE B 4 19.20 -1.27 -15.48
N VAL B 5 19.12 -1.56 -14.18
CA VAL B 5 17.87 -1.58 -13.45
C VAL B 5 18.03 -0.66 -12.24
N LYS B 6 17.16 0.32 -12.13
CA LYS B 6 17.13 1.24 -11.00
C LYS B 6 15.95 0.86 -10.13
N THR B 7 16.22 0.60 -8.85
CA THR B 7 15.15 0.25 -7.92
C THR B 7 14.55 1.50 -7.32
N LEU B 8 13.31 1.35 -6.85
CA LEU B 8 12.60 2.49 -6.30
C LEU B 8 13.31 3.05 -5.08
N THR B 9 14.01 2.21 -4.34
CA THR B 9 14.76 2.64 -3.19
C THR B 9 16.19 3.09 -3.52
N GLY B 10 16.55 3.21 -4.79
CA GLY B 10 17.66 4.04 -5.20
C GLY B 10 18.91 3.36 -5.68
N LYS B 11 18.90 2.04 -5.83
CA LYS B 11 20.07 1.30 -6.27
C LYS B 11 20.03 1.07 -7.78
N THR B 12 21.19 1.24 -8.43
CA THR B 12 21.32 0.94 -9.85
C THR B 12 22.17 -0.32 -9.97
N ILE B 13 21.58 -1.34 -10.61
CA ILE B 13 22.23 -2.64 -10.86
C ILE B 13 22.57 -2.75 -12.33
N THR B 14 23.67 -3.40 -12.66
CA THR B 14 24.02 -3.66 -14.05
C THR B 14 23.78 -5.13 -14.38
N LEU B 15 23.11 -5.39 -15.50
CA LEU B 15 22.86 -6.75 -15.94
C LEU B 15 23.53 -6.98 -17.29
N GLU B 16 24.03 -8.20 -17.51
CA GLU B 16 24.48 -8.67 -18.82
C GLU B 16 23.36 -9.48 -19.46
N VAL B 17 22.88 -9.03 -20.61
CA VAL B 17 21.69 -9.61 -21.25
C VAL B 17 21.88 -9.66 -22.75
N GLU B 18 21.00 -10.42 -23.39
CA GLU B 18 20.88 -10.45 -24.83
C GLU B 18 19.47 -10.04 -25.21
N PRO B 19 19.28 -9.41 -26.36
CA PRO B 19 17.92 -9.03 -26.78
C PRO B 19 16.93 -10.18 -26.79
N SER B 20 17.40 -11.41 -27.01
CA SER B 20 16.50 -12.56 -27.00
C SER B 20 16.03 -12.93 -25.59
N ASP B 21 16.64 -12.38 -24.55
CA ASP B 21 16.29 -12.77 -23.20
C ASP B 21 14.84 -12.40 -22.89
N THR B 22 14.15 -13.31 -22.23
CA THR B 22 12.79 -13.01 -21.84
C THR B 22 12.81 -12.14 -20.59
N ILE B 23 11.69 -11.48 -20.33
CA ILE B 23 11.56 -10.71 -19.11
C ILE B 23 11.74 -11.61 -17.91
N GLU B 24 11.27 -12.87 -18.00
CA GLU B 24 11.45 -13.79 -16.89
C GLU B 24 12.92 -14.09 -16.66
N ASN B 25 13.71 -14.22 -17.76
CA ASN B 25 15.15 -14.40 -17.60
C ASN B 25 15.76 -13.19 -16.91
N VAL B 26 15.32 -12.00 -17.30
CA VAL B 26 15.86 -10.78 -16.70
C VAL B 26 15.52 -10.74 -15.20
N LYS B 27 14.30 -11.12 -14.84
CA LYS B 27 13.94 -11.13 -13.42
C LYS B 27 14.77 -12.13 -12.64
N ALA B 28 15.09 -13.27 -13.26
CA ALA B 28 15.94 -14.24 -12.57
C ALA B 28 17.32 -13.66 -12.33
N LYS B 29 17.83 -12.85 -13.26
CA LYS B 29 19.15 -12.24 -13.08
C LYS B 29 19.13 -11.22 -11.95
N ILE B 30 18.02 -10.48 -11.83
CA ILE B 30 17.82 -9.58 -10.70
C ILE B 30 17.75 -10.35 -9.39
N GLN B 31 17.06 -11.49 -9.38
CA GLN B 31 16.99 -12.29 -8.17
C GLN B 31 18.38 -12.74 -7.75
N ASP B 32 19.24 -13.07 -8.73
CA ASP B 32 20.60 -13.50 -8.43
C ASP B 32 21.42 -12.42 -7.75
N LYS B 33 21.07 -11.16 -7.95
CA LYS B 33 21.86 -10.07 -7.39
C LYS B 33 21.25 -9.48 -6.13
N GLU B 34 19.91 -9.48 -5.99
CA GLU B 34 19.29 -8.78 -4.87
C GLU B 34 18.25 -9.62 -4.13
N GLY B 35 18.04 -10.86 -4.55
CA GLY B 35 17.19 -11.78 -3.83
C GLY B 35 15.72 -11.53 -3.95
N ILE B 36 15.29 -10.81 -4.99
CA ILE B 36 13.88 -10.45 -5.13
C ILE B 36 13.17 -11.53 -5.92
N PRO B 37 12.10 -12.13 -5.41
CA PRO B 37 11.38 -13.14 -6.22
C PRO B 37 10.84 -12.53 -7.50
N PRO B 38 10.97 -13.25 -8.62
CA PRO B 38 10.48 -12.69 -9.90
C PRO B 38 9.01 -12.36 -9.88
N ASP B 39 8.19 -13.16 -9.20
CA ASP B 39 6.75 -12.91 -9.17
CA ASP B 39 6.74 -12.92 -9.15
C ASP B 39 6.39 -11.62 -8.45
N GLN B 40 7.32 -11.04 -7.69
CA GLN B 40 7.06 -9.77 -7.03
C GLN B 40 7.71 -8.58 -7.72
N GLN B 41 8.45 -8.79 -8.81
CA GLN B 41 9.11 -7.69 -9.49
C GLN B 41 8.15 -7.04 -10.50
N ARG B 42 7.90 -5.75 -10.35
CA ARG B 42 7.32 -4.95 -11.41
C ARG B 42 8.47 -4.28 -12.16
N LEU B 43 8.75 -4.71 -13.38
CA LEU B 43 9.73 -4.06 -14.21
C LEU B 43 9.03 -3.08 -15.14
N ILE B 44 9.46 -1.83 -15.12
CA ILE B 44 8.79 -0.76 -15.86
C ILE B 44 9.76 -0.24 -16.92
N PHE B 45 9.28 -0.07 -18.16
CA PHE B 45 10.04 0.60 -19.21
C PHE B 45 9.07 1.40 -20.03
N ALA B 46 9.38 2.68 -20.29
CA ALA B 46 8.50 3.59 -21.05
C ALA B 46 7.05 3.47 -20.58
N GLY B 47 6.86 3.44 -19.26
CA GLY B 47 5.54 3.49 -18.64
C GLY B 47 4.70 2.23 -18.77
N LYS B 48 5.28 1.13 -19.21
CA LYS B 48 4.58 -0.15 -19.26
C LYS B 48 5.25 -1.12 -18.31
N GLN B 49 4.43 -1.92 -17.62
CA GLN B 49 4.91 -3.01 -16.81
C GLN B 49 5.17 -4.19 -17.73
N LEU B 50 6.38 -4.71 -17.74
CA LEU B 50 6.77 -5.71 -18.72
C LEU B 50 6.26 -7.08 -18.33
N GLU B 51 5.88 -7.87 -19.34
CA GLU B 51 5.29 -9.18 -19.15
C GLU B 51 6.34 -10.27 -19.28
N ASP B 52 6.22 -11.31 -18.44
CA ASP B 52 7.28 -12.30 -18.29
C ASP B 52 7.61 -13.02 -19.59
N GLY B 53 6.61 -13.28 -20.42
CA GLY B 53 6.81 -14.11 -21.61
C GLY B 53 7.42 -13.40 -22.81
N ARG B 54 7.50 -12.07 -22.80
CA ARG B 54 8.05 -11.30 -23.89
C ARG B 54 9.57 -11.22 -23.75
N THR B 55 10.24 -10.72 -24.78
CA THR B 55 11.70 -10.60 -24.75
C THR B 55 12.07 -9.12 -24.69
N LEU B 56 13.31 -8.85 -24.28
CA LEU B 56 13.82 -7.48 -24.34
C LEU B 56 13.60 -6.89 -25.72
N SER B 57 13.81 -7.71 -26.75
CA SER B 57 13.63 -7.25 -28.12
C SER B 57 12.18 -6.85 -28.39
N ASP B 58 11.22 -7.64 -27.92
CA ASP B 58 9.83 -7.33 -28.17
C ASP B 58 9.47 -5.94 -27.72
N TYR B 59 10.17 -5.46 -26.68
CA TYR B 59 9.98 -4.13 -26.13
C TYR B 59 11.01 -3.12 -26.65
N ASN B 60 11.80 -3.49 -27.65
CA ASN B 60 12.82 -2.59 -28.22
C ASN B 60 13.70 -1.96 -27.14
N ILE B 61 14.02 -2.77 -26.14
CA ILE B 61 14.96 -2.39 -25.09
C ILE B 61 16.36 -2.62 -25.63
N GLN B 62 17.14 -1.56 -25.77
CA GLN B 62 18.45 -1.67 -26.37
C GLN B 62 19.54 -1.50 -25.32
N LYS B 63 20.78 -1.62 -25.76
CA LYS B 63 21.93 -1.55 -24.86
C LYS B 63 21.89 -0.25 -24.08
N GLU B 64 22.18 -0.38 -22.79
CA GLU B 64 22.32 0.72 -21.85
C GLU B 64 21.03 1.46 -21.59
N SER B 65 19.91 0.84 -21.97
CA SER B 65 18.64 1.24 -21.40
C SER B 65 18.62 1.02 -19.89
N THR B 66 17.83 1.83 -19.19
CA THR B 66 17.57 1.66 -17.77
C THR B 66 16.10 1.27 -17.55
N LEU B 67 15.90 0.08 -16.97
CA LEU B 67 14.59 -0.35 -16.48
C LEU B 67 14.39 0.12 -15.04
N HIS B 68 13.13 0.27 -14.63
CA HIS B 68 12.76 0.72 -13.30
C HIS B 68 11.98 -0.35 -12.58
N LEU B 69 12.42 -0.65 -11.37
CA LEU B 69 11.91 -1.80 -10.64
C LEU B 69 11.21 -1.33 -9.38
N VAL B 70 9.97 -1.79 -9.24
CA VAL B 70 9.14 -1.64 -8.08
C VAL B 70 8.80 -3.04 -7.58
N LEU B 71 8.80 -3.20 -6.24
CA LEU B 71 8.39 -4.43 -5.60
C LEU B 71 6.88 -4.42 -5.40
N ARG B 72 6.21 -5.47 -5.86
CA ARG B 72 4.78 -5.65 -5.60
C ARG B 72 4.63 -5.98 -4.13
N LEU B 73 4.13 -5.04 -3.34
CA LEU B 73 4.11 -5.19 -1.90
C LEU B 73 2.87 -5.95 -1.44
N ARG B 74 3.07 -6.88 -0.53
CA ARG B 74 2.03 -7.82 -0.16
C ARG B 74 1.21 -7.34 1.02
N GLY B 75 1.81 -6.58 1.91
CA GLY B 75 1.04 -6.04 3.00
C GLY B 75 1.11 -6.94 4.19
C1 CIT C . -3.11 -15.04 3.50
O1 CIT C . -3.69 -14.67 4.54
O2 CIT C . -3.39 -14.45 2.43
C2 CIT C . -2.08 -16.17 3.59
C3 CIT C . -2.81 -17.51 3.69
O7 CIT C . -3.93 -17.31 4.56
C4 CIT C . -3.28 -17.96 2.30
C5 CIT C . -2.18 -17.87 1.27
O3 CIT C . -1.35 -18.79 1.12
O4 CIT C . -2.06 -16.83 0.55
C6 CIT C . -2.00 -18.63 4.35
O5 CIT C . -2.57 -19.30 5.24
O6 CIT C . -0.80 -18.87 4.06
H21 CIT C . -1.43 -16.16 2.70
H22 CIT C . -1.44 -16.04 4.46
HO7 CIT C . -3.87 -17.93 5.32
H41 CIT C . -4.13 -17.33 1.98
H42 CIT C . -3.64 -18.99 2.35
C2 AYE D . -0.23 -7.30 7.51
C3 AYE D . 0.08 -7.32 8.76
C1 AYE D . 0.61 -7.56 6.30
N1 AYE D . 0.52 -6.50 5.30
H3 AYE D . -0.58 -7.13 9.42
H3A AYE D . 0.96 -7.53 9.03
H1 AYE D . 0.33 -8.39 5.89
H1A AYE D . 1.53 -7.66 6.58
HN1 AYE D . 0.58 -5.75 5.79
HN1A AYE D . -0.30 -6.55 4.93
#